data_5V82
#
_entry.id   5V82
#
_cell.length_a   96.485
_cell.length_b   96.485
_cell.length_c   80.628
_cell.angle_alpha   90.000
_cell.angle_beta   90.000
_cell.angle_gamma   120.000
#
_symmetry.space_group_name_H-M   'P 65'
#
loop_
_entity.id
_entity.type
_entity.pdbx_description
1 polymer 'Serine/threonine-protein kinase pim-1'
2 non-polymer 1-{6-[(3R)-4,4-difluoropiperidin-3-yl]pyridin-2-yl}-6-(6-methylpyrazin-2-yl)-1H-pyrazolo[4,3-c]pyridine
3 water water
#
_entity_poly.entity_id   1
_entity_poly.type   'polypeptide(L)'
_entity_poly.pdbx_seq_one_letter_code
;MKEKEPLESQYQVGPLLGSGGFGSVYSGIRVSDNLPVAIKHVEKDRISDWGELPNGTRVPMEVVLLKKVSSGFSGVIRLL
DWFERPDSFVLILERPEPVQDLFDFITERGALQEELARSFFWQVLEAVRHCHNCGVLHRDIKDENILIDLNRGELKLIDF
GSGALLKDTVYTDFDGTRVYSPPEWIRYHRYHGRSAAVWSLGILLYDMVCGDIPFEHDEEIIRGQVFFRQRVSSECQHLI
RWCLALRPSDRPTFEEIQNHPWMQDVLLPQETAEIHLHSLSPGPSKKLAAALEHHHHHH
;
_entity_poly.pdbx_strand_id   A
#
loop_
_chem_comp.id
_chem_comp.type
_chem_comp.name
_chem_comp.formula
96Y non-polymer 1-{6-[(3R)-4,4-difluoropiperidin-3-yl]pyridin-2-yl}-6-(6-methylpyrazin-2-yl)-1H-pyrazolo[4,3-c]pyridine 'C21 H19 F2 N7'
#
# COMPACT_ATOMS: atom_id res chain seq x y z
N LEU A 7 22.10 13.72 -11.63
CA LEU A 7 21.29 13.37 -10.47
C LEU A 7 21.81 14.05 -9.22
N GLU A 8 23.11 14.04 -9.05
CA GLU A 8 23.72 14.59 -7.85
C GLU A 8 23.64 16.12 -7.86
N SER A 9 23.45 16.70 -9.05
CA SER A 9 23.36 18.15 -9.18
C SER A 9 21.91 18.62 -9.21
N GLN A 10 20.97 17.68 -9.35
CA GLN A 10 19.55 18.00 -9.39
C GLN A 10 18.90 17.82 -8.03
N TYR A 11 19.50 16.99 -7.18
CA TYR A 11 18.92 16.67 -5.88
C TYR A 11 19.95 16.72 -4.78
N GLN A 12 19.55 17.27 -3.63
CA GLN A 12 20.38 17.21 -2.45
C GLN A 12 19.87 16.08 -1.58
N VAL A 13 20.73 15.11 -1.30
CA VAL A 13 20.30 13.93 -0.55
C VAL A 13 20.32 14.24 0.95
N GLY A 14 19.28 13.78 1.65
CA GLY A 14 19.21 13.91 3.09
C GLY A 14 19.43 12.56 3.77
N PRO A 15 18.84 12.38 4.96
CA PRO A 15 18.99 11.16 5.74
C PRO A 15 18.29 9.95 5.12
N LEU A 16 18.77 8.76 5.45
CA LEU A 16 18.10 7.53 5.09
C LEU A 16 16.75 7.44 5.79
N LEU A 17 15.68 7.23 5.05
CA LEU A 17 14.37 7.09 5.66
C LEU A 17 14.12 5.65 6.09
N GLY A 18 14.65 4.70 5.32
CA GLY A 18 14.45 3.29 5.60
C GLY A 18 15.07 2.42 4.53
N SER A 19 15.31 1.17 4.86
CA SER A 19 15.87 0.23 3.90
C SER A 19 15.43 -1.19 4.25
N GLY A 20 15.51 -2.10 3.28
CA GLY A 20 15.16 -3.48 3.48
C GLY A 20 15.11 -4.23 2.17
N GLY A 21 14.22 -5.22 2.08
CA GLY A 21 14.05 -5.97 0.84
C GLY A 21 13.75 -5.11 -0.38
N PHE A 22 13.19 -3.92 -0.15
CA PHE A 22 12.81 -3.03 -1.24
C PHE A 22 13.97 -2.19 -1.78
N GLY A 23 15.07 -2.13 -1.03
CA GLY A 23 16.22 -1.29 -1.39
C GLY A 23 16.51 -0.26 -0.31
N SER A 24 17.02 0.90 -0.69
CA SER A 24 17.26 1.98 0.27
C SER A 24 16.56 3.26 -0.15
N VAL A 25 15.86 3.89 0.78
CA VAL A 25 15.10 5.10 0.48
C VAL A 25 15.58 6.27 1.33
N TYR A 26 15.96 7.34 0.65
CA TYR A 26 16.48 8.55 1.30
C TYR A 26 15.55 9.73 1.19
N SER A 27 15.59 10.61 2.17
CA SER A 27 14.97 11.91 2.07
C SER A 27 15.80 12.78 1.15
N GLY A 28 15.15 13.64 0.39
CA GLY A 28 15.87 14.51 -0.52
C GLY A 28 15.11 15.78 -0.84
N ILE A 29 15.77 16.67 -1.55
CA ILE A 29 15.17 17.92 -1.96
C ILE A 29 15.54 18.14 -3.41
N ARG A 30 14.58 18.53 -4.24
CA ARG A 30 14.89 18.89 -5.62
C ARG A 30 15.53 20.26 -5.66
N VAL A 31 16.68 20.39 -6.27
CA VAL A 31 17.43 21.63 -6.15
C VAL A 31 16.77 22.90 -6.72
N SER A 32 16.11 22.80 -7.85
CA SER A 32 15.52 23.94 -8.52
C SER A 32 14.33 24.58 -7.83
N ASP A 33 13.78 23.85 -6.89
CA ASP A 33 12.43 23.90 -6.41
C ASP A 33 12.36 23.97 -4.92
N ASN A 34 13.32 23.34 -4.29
CA ASN A 34 13.23 22.92 -2.91
C ASN A 34 12.08 21.94 -2.66
N LEU A 35 11.58 21.31 -3.72
CA LEU A 35 10.51 20.32 -3.57
C LEU A 35 11.04 19.12 -2.79
N PRO A 36 10.33 18.74 -1.71
CA PRO A 36 10.71 17.54 -0.96
C PRO A 36 10.50 16.30 -1.82
N VAL A 37 11.50 15.42 -1.87
CA VAL A 37 11.40 14.17 -2.61
C VAL A 37 11.92 13.00 -1.78
N ALA A 38 11.65 11.79 -2.26
CA ALA A 38 12.27 10.58 -1.72
C ALA A 38 13.12 9.99 -2.83
N ILE A 39 14.27 9.46 -2.46
CA ILE A 39 15.21 8.95 -3.45
C ILE A 39 15.42 7.47 -3.17
N LYS A 40 14.89 6.63 -4.04
CA LYS A 40 14.92 5.18 -3.83
C LYS A 40 15.96 4.49 -4.71
N HIS A 41 16.87 3.75 -4.09
CA HIS A 41 17.87 2.99 -4.82
C HIS A 41 17.57 1.52 -4.79
N VAL A 42 17.59 0.89 -5.95
CA VAL A 42 17.44 -0.56 -6.02
C VAL A 42 18.58 -1.16 -6.83
N GLU A 43 19.24 -2.16 -6.27
CA GLU A 43 20.33 -2.84 -6.95
C GLU A 43 19.79 -3.67 -8.10
N LYS A 44 20.47 -3.60 -9.25
CA LYS A 44 20.03 -4.32 -10.45
C LYS A 44 19.94 -5.83 -10.24
N ASP A 45 20.87 -6.37 -9.46
CA ASP A 45 20.90 -7.80 -9.20
C ASP A 45 19.71 -8.25 -8.36
N ARG A 46 19.02 -7.29 -7.74
CA ARG A 46 17.92 -7.62 -6.85
C ARG A 46 16.57 -7.46 -7.52
N ILE A 47 16.59 -7.03 -8.78
CA ILE A 47 15.37 -6.88 -9.56
C ILE A 47 15.09 -8.16 -10.34
N SER A 48 13.92 -8.74 -10.13
CA SER A 48 13.56 -9.96 -10.84
C SER A 48 12.49 -9.67 -11.88
N ASP A 49 11.70 -8.63 -11.65
CA ASP A 49 10.65 -8.25 -12.58
C ASP A 49 11.05 -7.05 -13.43
N TRP A 50 11.27 -7.31 -14.71
CA TRP A 50 11.73 -6.29 -15.63
C TRP A 50 10.65 -5.93 -16.63
N GLY A 51 10.61 -4.66 -17.04
CA GLY A 51 9.60 -4.21 -17.98
C GLY A 51 10.20 -3.41 -19.11
N GLU A 52 9.34 -2.95 -20.02
CA GLU A 52 9.79 -2.18 -21.16
C GLU A 52 9.06 -0.85 -21.24
N LEU A 53 9.82 0.20 -21.51
CA LEU A 53 9.25 1.53 -21.67
C LEU A 53 8.64 1.66 -23.06
N PRO A 54 7.64 2.55 -23.22
CA PRO A 54 7.01 2.79 -24.52
C PRO A 54 8.01 3.08 -25.64
N ASN A 55 9.23 3.49 -25.29
CA ASN A 55 10.28 3.69 -26.28
C ASN A 55 11.21 2.49 -26.36
N GLY A 56 10.85 1.41 -25.69
CA GLY A 56 11.64 0.20 -25.70
C GLY A 56 12.95 0.28 -24.92
N THR A 57 12.85 0.61 -23.63
CA THR A 57 14.03 0.65 -22.76
C THR A 57 13.86 -0.35 -21.62
N ARG A 58 14.92 -1.09 -21.31
CA ARG A 58 14.87 -2.09 -20.24
C ARG A 58 14.88 -1.40 -18.88
N VAL A 59 13.85 -1.67 -18.08
CA VAL A 59 13.62 -0.89 -16.88
C VAL A 59 12.90 -1.78 -15.86
N PRO A 60 13.10 -1.54 -14.56
CA PRO A 60 12.36 -2.34 -13.58
C PRO A 60 10.86 -2.20 -13.81
N MET A 61 10.11 -3.29 -13.68
CA MET A 61 8.66 -3.22 -13.79
C MET A 61 8.09 -2.14 -12.87
N GLU A 62 8.71 -1.96 -11.71
CA GLU A 62 8.29 -0.92 -10.76
C GLU A 62 8.14 0.45 -11.42
N VAL A 63 9.08 0.81 -12.29
CA VAL A 63 9.02 2.05 -13.04
C VAL A 63 7.82 2.08 -13.99
N VAL A 64 7.58 0.96 -14.67
CA VAL A 64 6.41 0.83 -15.54
C VAL A 64 5.12 1.01 -14.75
N LEU A 65 5.03 0.35 -13.59
CA LEU A 65 3.81 0.43 -12.79
C LEU A 65 3.60 1.83 -12.25
N LEU A 66 4.70 2.45 -11.79
CA LEU A 66 4.63 3.80 -11.25
C LEU A 66 4.18 4.80 -12.30
N LYS A 67 4.74 4.71 -13.50
CA LYS A 67 4.32 5.62 -14.58
C LYS A 67 2.83 5.45 -14.93
N LYS A 68 2.34 4.21 -14.89
CA LYS A 68 0.93 3.96 -15.23
C LYS A 68 -0.01 4.58 -14.20
N VAL A 69 0.50 4.72 -13.01
CA VAL A 69 -0.27 5.14 -11.92
C VAL A 69 -0.09 6.59 -11.54
N SER A 70 0.94 7.21 -12.07
CA SER A 70 1.30 8.54 -11.61
C SER A 70 0.67 9.74 -12.29
N SER A 71 -0.64 9.86 -12.27
CA SER A 71 -1.30 11.07 -12.72
C SER A 71 -2.02 11.81 -11.59
N GLY A 72 -2.98 12.64 -11.97
CA GLY A 72 -3.52 13.55 -11.00
C GLY A 72 -3.85 12.96 -9.65
N PHE A 73 -4.43 11.78 -9.61
CA PHE A 73 -4.85 11.25 -8.32
C PHE A 73 -3.71 11.16 -7.32
N SER A 74 -3.93 11.71 -6.14
CA SER A 74 -2.88 11.80 -5.12
C SER A 74 -2.96 10.67 -4.09
N GLY A 75 -3.72 9.61 -4.38
CA GLY A 75 -3.77 8.47 -3.49
C GLY A 75 -2.54 7.58 -3.60
N VAL A 76 -1.74 7.81 -4.64
CA VAL A 76 -0.48 7.07 -4.81
C VAL A 76 0.68 8.06 -4.88
N ILE A 77 1.81 7.71 -4.24
CA ILE A 77 3.00 8.56 -4.31
C ILE A 77 3.54 8.51 -5.72
N ARG A 78 3.65 9.67 -6.38
CA ARG A 78 4.00 9.70 -7.79
C ARG A 78 5.49 9.63 -8.07
N LEU A 79 5.84 8.98 -9.17
CA LEU A 79 7.23 8.97 -9.65
C LEU A 79 7.51 10.24 -10.43
N LEU A 80 8.54 10.97 -10.04
CA LEU A 80 8.85 12.26 -10.64
C LEU A 80 9.94 12.14 -11.69
N ASP A 81 10.85 11.19 -11.46
CA ASP A 81 11.96 10.98 -12.38
C ASP A 81 12.64 9.67 -12.01
N TRP A 82 13.55 9.22 -12.86
CA TRP A 82 14.31 8.02 -12.56
C TRP A 82 15.62 8.09 -13.32
N PHE A 83 16.61 7.34 -12.83
CA PHE A 83 17.94 7.35 -13.40
C PHE A 83 18.50 5.92 -13.38
N GLU A 84 19.29 5.58 -14.39
CA GLU A 84 19.97 4.29 -14.39
C GLU A 84 21.45 4.50 -14.08
N ARG A 85 21.99 3.68 -13.20
CA ARG A 85 23.40 3.72 -12.86
C ARG A 85 23.99 2.36 -13.24
N PRO A 86 25.33 2.21 -13.19
CA PRO A 86 25.90 0.92 -13.59
C PRO A 86 25.30 -0.29 -12.89
N ASP A 87 25.10 -0.22 -11.57
CA ASP A 87 24.62 -1.38 -10.84
C ASP A 87 23.26 -1.17 -10.17
N SER A 88 22.58 -0.06 -10.48
CA SER A 88 21.31 0.21 -9.83
C SER A 88 20.43 1.15 -10.62
N PHE A 89 19.17 1.25 -10.18
CA PHE A 89 18.26 2.29 -10.62
C PHE A 89 17.95 3.22 -9.45
N VAL A 90 17.73 4.49 -9.75
CA VAL A 90 17.37 5.48 -8.75
C VAL A 90 16.04 6.11 -9.12
N LEU A 91 15.06 5.99 -8.23
CA LEU A 91 13.74 6.57 -8.44
C LEU A 91 13.59 7.83 -7.59
N ILE A 92 13.14 8.90 -8.21
CA ILE A 92 12.78 10.11 -7.49
C ILE A 92 11.26 10.15 -7.30
N LEU A 93 10.82 10.17 -6.05
CA LEU A 93 9.40 10.09 -5.71
C LEU A 93 8.97 11.30 -4.91
N GLU A 94 7.70 11.64 -5.00
CA GLU A 94 7.20 12.76 -4.22
C GLU A 94 7.33 12.41 -2.75
N ARG A 95 7.47 13.42 -1.89
CA ARG A 95 7.54 13.17 -0.46
C ARG A 95 6.70 14.21 0.28
N PRO A 96 5.58 13.78 0.88
CA PRO A 96 4.78 14.69 1.69
C PRO A 96 5.56 15.07 2.93
N GLU A 97 5.27 16.25 3.48
CA GLU A 97 5.95 16.72 4.69
C GLU A 97 5.04 17.70 5.43
N PRO A 98 4.68 17.39 6.69
CA PRO A 98 5.14 16.25 7.49
C PRO A 98 4.40 14.97 7.11
N VAL A 99 5.02 13.82 7.37
CA VAL A 99 4.46 12.53 6.97
C VAL A 99 4.81 11.50 8.02
N GLN A 100 4.01 10.44 8.12
CA GLN A 100 4.33 9.30 8.96
C GLN A 100 3.68 8.09 8.34
N ASP A 101 4.38 6.96 8.28
CA ASP A 101 3.73 5.77 7.71
C ASP A 101 2.71 5.20 8.68
N LEU A 102 1.78 4.40 8.17
CA LEU A 102 0.67 3.97 8.98
C LEU A 102 1.14 2.98 10.03
N PHE A 103 2.19 2.23 9.71
CA PHE A 103 2.74 1.30 10.69
C PHE A 103 3.21 2.05 11.94
N ASP A 104 3.98 3.10 11.72
CA ASP A 104 4.49 3.89 12.85
C ASP A 104 3.34 4.54 13.60
N PHE A 105 2.35 4.99 12.83
CA PHE A 105 1.22 5.72 13.39
C PHE A 105 0.46 4.83 14.36
N ILE A 106 0.15 3.62 13.92
CA ILE A 106 -0.56 2.66 14.76
C ILE A 106 0.30 2.24 15.95
N THR A 107 1.60 2.07 15.72
CA THR A 107 2.50 1.74 16.83
C THR A 107 2.42 2.80 17.92
N GLU A 108 2.41 4.06 17.52
CA GLU A 108 2.40 5.16 18.49
C GLU A 108 1.03 5.31 19.14
N ARG A 109 -0.02 5.19 18.35
CA ARG A 109 -1.36 5.51 18.82
C ARG A 109 -2.12 4.30 19.34
N GLY A 110 -1.68 3.11 18.96
CA GLY A 110 -2.42 1.90 19.30
C GLY A 110 -3.58 1.72 18.33
N ALA A 111 -4.56 0.91 18.74
CA ALA A 111 -5.74 0.68 17.89
C ALA A 111 -6.44 2.01 17.57
N LEU A 112 -6.82 2.21 16.31
CA LEU A 112 -7.44 3.47 15.89
C LEU A 112 -8.95 3.49 16.19
N GLN A 113 -9.47 4.64 16.61
CA GLN A 113 -10.92 4.82 16.71
C GLN A 113 -11.55 4.52 15.36
N GLU A 114 -12.75 3.98 15.35
CA GLU A 114 -13.34 3.53 14.11
C GLU A 114 -13.63 4.66 13.11
N GLU A 115 -13.96 5.86 13.60
CA GLU A 115 -14.16 6.98 12.68
C GLU A 115 -12.88 7.27 11.89
N LEU A 116 -11.74 7.15 12.54
CA LEU A 116 -10.45 7.38 11.89
C LEU A 116 -10.09 6.21 10.96
N ALA A 117 -10.27 5.00 11.46
CA ALA A 117 -10.03 3.81 10.65
C ALA A 117 -10.87 3.83 9.37
N ARG A 118 -12.13 4.28 9.51
CA ARG A 118 -13.03 4.36 8.35
C ARG A 118 -12.50 5.32 7.30
N SER A 119 -12.05 6.49 7.75
CA SER A 119 -11.49 7.46 6.81
C SER A 119 -10.25 6.90 6.12
N PHE A 120 -9.34 6.34 6.92
CA PHE A 120 -8.10 5.78 6.39
C PHE A 120 -8.38 4.61 5.42
N PHE A 121 -9.24 3.70 5.84
CA PHE A 121 -9.53 2.53 5.00
C PHE A 121 -10.18 2.94 3.66
N TRP A 122 -11.14 3.85 3.74
CA TRP A 122 -11.78 4.38 2.53
C TRP A 122 -10.73 4.92 1.56
N GLN A 123 -9.80 5.72 2.08
CA GLN A 123 -8.81 6.32 1.21
C GLN A 123 -7.90 5.26 0.60
N VAL A 124 -7.59 4.22 1.37
CA VAL A 124 -6.77 3.13 0.83
C VAL A 124 -7.55 2.43 -0.28
N LEU A 125 -8.84 2.22 -0.08
CA LEU A 125 -9.66 1.60 -1.12
C LEU A 125 -9.65 2.44 -2.40
N GLU A 126 -9.78 3.75 -2.26
CA GLU A 126 -9.84 4.61 -3.44
C GLU A 126 -8.51 4.52 -4.16
N ALA A 127 -7.42 4.45 -3.40
CA ALA A 127 -6.09 4.37 -4.01
C ALA A 127 -5.89 3.04 -4.73
N VAL A 128 -6.32 1.95 -4.10
CA VAL A 128 -6.20 0.64 -4.72
C VAL A 128 -7.07 0.54 -5.96
N ARG A 129 -8.27 1.10 -5.92
CA ARG A 129 -9.14 1.17 -7.09
C ARG A 129 -8.47 1.91 -8.21
N HIS A 130 -7.84 3.03 -7.89
CA HIS A 130 -7.07 3.79 -8.87
C HIS A 130 -5.99 2.93 -9.54
N CYS A 131 -5.18 2.23 -8.74
CA CYS A 131 -4.17 1.34 -9.31
C CYS A 131 -4.81 0.36 -10.28
N HIS A 132 -5.85 -0.33 -9.83
CA HIS A 132 -6.49 -1.33 -10.68
C HIS A 132 -7.03 -0.71 -11.95
N ASN A 133 -7.62 0.48 -11.84
CA ASN A 133 -8.12 1.18 -13.02
C ASN A 133 -7.01 1.53 -14.00
N CYS A 134 -5.81 1.75 -13.48
CA CYS A 134 -4.64 2.01 -14.32
C CYS A 134 -3.94 0.74 -14.81
N GLY A 135 -4.50 -0.42 -14.46
CA GLY A 135 -3.94 -1.69 -14.92
C GLY A 135 -2.79 -2.19 -14.05
N VAL A 136 -2.75 -1.74 -12.80
CA VAL A 136 -1.65 -2.09 -11.90
C VAL A 136 -2.15 -2.79 -10.65
N LEU A 137 -1.53 -3.92 -10.32
CA LEU A 137 -1.81 -4.62 -9.06
C LEU A 137 -0.66 -4.38 -8.08
N HIS A 138 -0.97 -3.85 -6.90
CA HIS A 138 0.08 -3.51 -5.93
C HIS A 138 0.79 -4.73 -5.29
N ARG A 139 0.01 -5.70 -4.82
CA ARG A 139 0.54 -6.94 -4.20
C ARG A 139 1.25 -6.83 -2.84
N ASP A 140 1.29 -5.66 -2.23
CA ASP A 140 1.89 -5.57 -0.90
C ASP A 140 1.21 -4.47 -0.10
N ILE A 141 -0.12 -4.47 -0.15
CA ILE A 141 -0.89 -3.51 0.62
C ILE A 141 -0.71 -3.82 2.10
N LYS A 142 -0.20 -2.85 2.86
CA LYS A 142 -0.06 -3.04 4.31
C LYS A 142 0.32 -1.71 4.94
N ASP A 143 0.25 -1.65 6.27
CA ASP A 143 0.50 -0.40 6.99
C ASP A 143 1.84 0.25 6.66
N GLU A 144 2.89 -0.54 6.50
CA GLU A 144 4.20 0.01 6.20
C GLU A 144 4.24 0.70 4.84
N ASN A 145 3.34 0.29 3.94
CA ASN A 145 3.35 0.85 2.59
C ASN A 145 2.27 1.91 2.38
N ILE A 146 1.85 2.52 3.47
CA ILE A 146 0.90 3.62 3.39
C ILE A 146 1.42 4.83 4.18
N LEU A 147 1.53 5.97 3.49
CA LEU A 147 1.99 7.21 4.13
C LEU A 147 0.80 8.09 4.46
N ILE A 148 0.87 8.74 5.61
CA ILE A 148 -0.15 9.71 6.02
C ILE A 148 0.41 11.12 5.90
N ASP A 149 -0.19 11.93 5.04
CA ASP A 149 0.12 13.35 4.94
C ASP A 149 -0.60 13.97 6.12
N LEU A 150 0.17 14.33 7.15
CA LEU A 150 -0.41 14.65 8.46
C LEU A 150 -1.14 15.99 8.47
N ASN A 151 -0.76 16.89 7.57
CA ASN A 151 -1.46 18.18 7.47
C ASN A 151 -2.79 18.07 6.74
N ARG A 152 -2.82 17.27 5.67
CA ARG A 152 -3.99 17.21 4.81
C ARG A 152 -4.90 16.03 5.13
N GLY A 153 -4.42 15.12 5.97
CA GLY A 153 -5.19 13.92 6.30
C GLY A 153 -5.34 12.98 5.12
N GLU A 154 -4.39 13.04 4.18
CA GLU A 154 -4.46 12.23 2.96
C GLU A 154 -3.48 11.07 3.02
N LEU A 155 -3.94 9.89 2.62
CA LEU A 155 -3.12 8.69 2.63
C LEU A 155 -2.60 8.40 1.22
N LYS A 156 -1.40 7.82 1.14
CA LYS A 156 -0.70 7.63 -0.13
C LYS A 156 0.01 6.27 -0.18
N LEU A 157 -0.23 5.49 -1.24
CA LEU A 157 0.39 4.18 -1.38
C LEU A 157 1.83 4.29 -1.85
N ILE A 158 2.71 3.52 -1.24
CA ILE A 158 4.10 3.45 -1.69
C ILE A 158 4.53 2.01 -1.97
N ASP A 159 5.70 1.88 -2.55
CA ASP A 159 6.31 0.61 -2.88
C ASP A 159 5.66 -0.31 -3.88
N PHE A 160 5.84 -0.01 -5.16
CA PHE A 160 5.32 -0.89 -6.20
C PHE A 160 6.36 -1.92 -6.64
N GLY A 161 7.35 -2.15 -5.79
CA GLY A 161 8.44 -3.07 -6.09
C GLY A 161 8.00 -4.53 -6.16
N SER A 162 6.87 -4.85 -5.54
CA SER A 162 6.35 -6.21 -5.54
C SER A 162 5.17 -6.36 -6.48
N GLY A 163 4.81 -5.28 -7.16
CA GLY A 163 3.60 -5.24 -7.96
C GLY A 163 3.67 -5.91 -9.32
N ALA A 164 2.54 -5.88 -10.03
CA ALA A 164 2.45 -6.52 -11.34
C ALA A 164 1.43 -5.81 -12.21
N LEU A 165 1.46 -6.07 -13.51
CA LEU A 165 0.38 -5.66 -14.36
C LEU A 165 -0.82 -6.44 -13.90
N LEU A 166 -1.97 -5.78 -13.84
CA LEU A 166 -3.20 -6.45 -13.45
C LEU A 166 -3.68 -7.33 -14.61
N LYS A 167 -4.05 -8.57 -14.30
CA LYS A 167 -4.60 -9.47 -15.31
C LYS A 167 -5.72 -10.25 -14.66
N ASP A 168 -6.49 -10.98 -15.47
CA ASP A 168 -7.67 -11.68 -14.99
C ASP A 168 -7.44 -13.17 -14.77
N THR A 169 -6.25 -13.62 -15.12
CA THR A 169 -5.86 -15.01 -14.92
C THR A 169 -5.04 -15.16 -13.64
N VAL A 170 -4.64 -16.39 -13.32
CA VAL A 170 -4.00 -16.66 -12.03
C VAL A 170 -2.56 -16.17 -11.96
N TYR A 171 -2.15 -15.73 -10.77
CA TYR A 171 -0.75 -15.44 -10.49
C TYR A 171 -0.16 -16.65 -9.79
N THR A 172 1.08 -16.99 -10.12
CA THR A 172 1.74 -18.13 -9.50
C THR A 172 3.04 -17.72 -8.82
N ASP A 173 3.28 -16.42 -8.76
CA ASP A 173 4.44 -15.86 -8.07
C ASP A 173 3.96 -14.80 -7.09
N PHE A 174 4.70 -14.63 -5.99
CA PHE A 174 4.35 -13.64 -4.98
C PHE A 174 5.59 -13.25 -4.17
N ASP A 175 5.76 -11.95 -3.97
CA ASP A 175 6.92 -11.46 -3.24
C ASP A 175 6.52 -10.36 -2.27
N GLY A 176 5.22 -10.29 -1.97
CA GLY A 176 4.75 -9.33 -1.00
C GLY A 176 4.95 -9.86 0.40
N THR A 177 4.12 -9.40 1.33
CA THR A 177 4.30 -9.73 2.75
C THR A 177 3.46 -10.94 3.12
N ARG A 178 4.12 -12.00 3.61
CA ARG A 178 3.45 -13.27 3.77
C ARG A 178 2.24 -13.21 4.72
N VAL A 179 2.37 -12.50 5.84
CA VAL A 179 1.26 -12.43 6.79
C VAL A 179 0.04 -11.65 6.26
N TYR A 180 0.20 -11.00 5.10
CA TYR A 180 -0.92 -10.35 4.43
C TYR A 180 -1.40 -11.17 3.23
N SER A 181 -0.73 -12.28 2.96
CA SER A 181 -1.06 -13.08 1.77
C SER A 181 -2.24 -14.00 2.06
N PRO A 182 -3.02 -14.33 1.02
CA PRO A 182 -4.26 -15.09 1.20
C PRO A 182 -4.03 -16.58 1.32
N PRO A 183 -5.00 -17.30 1.91
CA PRO A 183 -4.88 -18.75 2.13
C PRO A 183 -4.64 -19.53 0.83
N GLU A 184 -5.18 -19.06 -0.28
CA GLU A 184 -4.99 -19.75 -1.54
C GLU A 184 -3.53 -19.68 -1.98
N TRP A 185 -2.85 -18.59 -1.63
CA TRP A 185 -1.42 -18.49 -1.92
C TRP A 185 -0.64 -19.46 -1.03
N ILE A 186 -0.95 -19.41 0.28
CA ILE A 186 -0.28 -20.26 1.25
C ILE A 186 -0.40 -21.74 0.86
N ARG A 187 -1.63 -22.15 0.51
CA ARG A 187 -1.93 -23.56 0.25
C ARG A 187 -1.58 -24.03 -1.16
N TYR A 188 -1.85 -23.20 -2.16
CA TYR A 188 -1.79 -23.65 -3.54
C TYR A 188 -0.80 -22.89 -4.41
N HIS A 189 -0.17 -21.86 -3.84
CA HIS A 189 0.74 -20.99 -4.58
C HIS A 189 0.07 -20.41 -5.81
N ARG A 190 -1.21 -20.06 -5.66
CA ARG A 190 -1.92 -19.36 -6.72
C ARG A 190 -3.02 -18.46 -6.15
N TYR A 191 -3.27 -17.35 -6.85
CA TYR A 191 -4.28 -16.39 -6.43
C TYR A 191 -4.66 -15.53 -7.63
N HIS A 192 -5.84 -14.93 -7.57
CA HIS A 192 -6.22 -13.91 -8.55
C HIS A 192 -6.04 -12.55 -7.91
N GLY A 193 -5.77 -11.55 -8.73
CA GLY A 193 -5.33 -10.25 -8.24
C GLY A 193 -6.29 -9.54 -7.31
N ARG A 194 -7.52 -9.35 -7.75
CA ARG A 194 -8.45 -8.55 -6.96
C ARG A 194 -8.84 -9.21 -5.65
N SER A 195 -9.17 -10.50 -5.69
CA SER A 195 -9.58 -11.17 -4.46
C SER A 195 -8.43 -11.31 -3.47
N ALA A 196 -7.19 -11.44 -3.96
CA ALA A 196 -6.04 -11.40 -3.06
C ALA A 196 -5.89 -10.01 -2.44
N ALA A 197 -6.14 -8.97 -3.23
CA ALA A 197 -6.03 -7.61 -2.70
C ALA A 197 -7.06 -7.40 -1.60
N VAL A 198 -8.27 -7.91 -1.79
CA VAL A 198 -9.32 -7.74 -0.78
C VAL A 198 -8.95 -8.46 0.52
N TRP A 199 -8.38 -9.65 0.41
CA TRP A 199 -7.85 -10.33 1.60
C TRP A 199 -6.86 -9.44 2.36
N SER A 200 -5.87 -8.89 1.65
CA SER A 200 -4.88 -8.05 2.32
C SER A 200 -5.53 -6.83 2.93
N LEU A 201 -6.58 -6.32 2.29
CA LEU A 201 -7.31 -5.19 2.85
C LEU A 201 -8.00 -5.56 4.16
N GLY A 202 -8.53 -6.77 4.24
CA GLY A 202 -9.10 -7.28 5.48
C GLY A 202 -8.08 -7.35 6.61
N ILE A 203 -6.86 -7.79 6.28
CA ILE A 203 -5.80 -7.81 7.26
C ILE A 203 -5.48 -6.38 7.70
N LEU A 204 -5.38 -5.47 6.73
CA LEU A 204 -5.05 -4.08 7.03
C LEU A 204 -6.10 -3.46 7.94
N LEU A 205 -7.37 -3.72 7.66
CA LEU A 205 -8.46 -3.15 8.45
C LEU A 205 -8.44 -3.69 9.87
N TYR A 206 -8.23 -5.00 10.00
CA TYR A 206 -8.09 -5.59 11.32
C TYR A 206 -6.96 -4.90 12.08
N ASP A 207 -5.84 -4.69 11.41
CA ASP A 207 -4.67 -4.11 12.07
C ASP A 207 -4.98 -2.69 12.53
N MET A 208 -5.77 -1.97 11.74
CA MET A 208 -6.12 -0.59 12.12
C MET A 208 -6.93 -0.54 13.40
N VAL A 209 -7.98 -1.36 13.47
CA VAL A 209 -8.88 -1.28 14.62
C VAL A 209 -8.43 -2.13 15.81
N CYS A 210 -7.48 -3.02 15.61
CA CYS A 210 -7.00 -3.87 16.72
C CYS A 210 -5.56 -3.58 17.15
N GLY A 211 -4.81 -2.89 16.30
CA GLY A 211 -3.46 -2.50 16.65
C GLY A 211 -2.43 -3.59 16.40
N ASP A 212 -2.87 -4.69 15.81
CA ASP A 212 -1.97 -5.78 15.42
C ASP A 212 -2.66 -6.63 14.37
N ILE A 213 -1.89 -7.44 13.65
CA ILE A 213 -2.46 -8.28 12.58
C ILE A 213 -3.13 -9.51 13.18
N PRO A 214 -4.11 -10.09 12.46
CA PRO A 214 -4.87 -11.19 13.07
C PRO A 214 -4.18 -12.56 13.02
N PHE A 215 -3.27 -12.75 12.06
CA PHE A 215 -2.65 -14.05 11.85
C PHE A 215 -1.15 -13.90 11.83
N GLU A 216 -0.46 -14.84 12.46
CA GLU A 216 0.99 -14.85 12.48
C GLU A 216 1.56 -16.01 11.65
N HIS A 217 0.97 -17.20 11.80
CA HIS A 217 1.52 -18.40 11.17
C HIS A 217 0.65 -18.86 10.00
N ASP A 218 1.26 -19.59 9.06
CA ASP A 218 0.55 -20.13 7.90
C ASP A 218 -0.71 -20.88 8.31
N GLU A 219 -0.65 -21.65 9.40
CA GLU A 219 -1.80 -22.48 9.79
C GLU A 219 -2.98 -21.61 10.25
N GLU A 220 -2.68 -20.46 10.82
CA GLU A 220 -3.70 -19.49 11.21
C GLU A 220 -4.37 -18.86 9.99
N ILE A 221 -3.57 -18.51 9.00
CA ILE A 221 -4.10 -17.95 7.75
C ILE A 221 -5.05 -18.95 7.08
N ILE A 222 -4.60 -20.20 6.98
CA ILE A 222 -5.35 -21.26 6.30
C ILE A 222 -6.67 -21.56 7.03
N ARG A 223 -6.64 -21.51 8.36
CA ARG A 223 -7.85 -21.74 9.15
C ARG A 223 -8.82 -20.56 9.01
N GLY A 224 -8.27 -19.35 8.96
CA GLY A 224 -9.07 -18.17 8.70
C GLY A 224 -10.07 -17.79 9.77
N GLN A 225 -9.87 -18.28 10.99
CA GLN A 225 -10.78 -17.91 12.09
C GLN A 225 -10.28 -16.62 12.70
N VAL A 226 -11.13 -15.61 12.74
CA VAL A 226 -10.74 -14.28 13.20
C VAL A 226 -11.22 -14.07 14.64
N PHE A 227 -10.26 -13.78 15.53
CA PHE A 227 -10.55 -13.43 16.91
C PHE A 227 -10.24 -11.94 17.10
N PHE A 228 -11.16 -11.22 17.71
CA PHE A 228 -10.92 -9.81 17.98
C PHE A 228 -10.40 -9.60 19.38
N ARG A 229 -9.24 -8.95 19.46
CA ARG A 229 -8.53 -8.79 20.72
C ARG A 229 -8.85 -7.44 21.34
N GLN A 230 -9.54 -6.61 20.58
CA GLN A 230 -9.98 -5.30 21.05
C GLN A 230 -11.48 -5.15 20.76
N ARG A 231 -12.10 -4.17 21.39
CA ARG A 231 -13.50 -3.88 21.14
C ARG A 231 -13.64 -3.31 19.74
N VAL A 232 -14.44 -3.98 18.92
CA VAL A 232 -14.66 -3.57 17.53
C VAL A 232 -16.15 -3.72 17.26
N SER A 233 -16.75 -2.73 16.59
CA SER A 233 -18.18 -2.75 16.32
C SER A 233 -18.59 -3.95 15.49
N SER A 234 -19.87 -4.31 15.58
CA SER A 234 -20.37 -5.49 14.88
C SER A 234 -20.26 -5.29 13.36
N GLU A 235 -20.55 -4.08 12.89
CA GLU A 235 -20.49 -3.80 11.46
C GLU A 235 -19.04 -3.94 10.96
N CYS A 236 -18.10 -3.34 11.68
CA CYS A 236 -16.69 -3.45 11.31
C CYS A 236 -16.22 -4.91 11.33
N GLN A 237 -16.55 -5.65 12.39
CA GLN A 237 -16.22 -7.07 12.47
C GLN A 237 -16.77 -7.82 11.26
N HIS A 238 -18.02 -7.52 10.89
CA HIS A 238 -18.63 -8.20 9.76
C HIS A 238 -17.86 -7.95 8.46
N LEU A 239 -17.49 -6.69 8.23
CA LEU A 239 -16.75 -6.33 7.03
C LEU A 239 -15.39 -7.04 6.99
N ILE A 240 -14.70 -7.04 8.12
CA ILE A 240 -13.40 -7.70 8.21
C ILE A 240 -13.56 -9.18 7.90
N ARG A 241 -14.56 -9.82 8.49
CA ARG A 241 -14.70 -11.26 8.29
C ARG A 241 -15.10 -11.58 6.86
N TRP A 242 -15.78 -10.64 6.23
CA TRP A 242 -16.16 -10.81 4.83
C TRP A 242 -14.93 -10.73 3.93
N CYS A 243 -14.09 -9.73 4.16
CA CYS A 243 -12.85 -9.59 3.39
C CYS A 243 -11.94 -10.82 3.57
N LEU A 244 -12.01 -11.42 4.75
CA LEU A 244 -11.16 -12.54 5.08
C LEU A 244 -11.86 -13.88 4.88
N ALA A 245 -12.82 -13.92 3.95
CA ALA A 245 -13.47 -15.18 3.61
C ALA A 245 -12.42 -16.15 3.06
N LEU A 246 -12.45 -17.41 3.49
CA LEU A 246 -11.49 -18.40 2.96
C LEU A 246 -11.57 -18.57 1.45
N ARG A 247 -12.79 -18.74 0.92
CA ARG A 247 -12.97 -18.86 -0.52
C ARG A 247 -12.93 -17.48 -1.15
N PRO A 248 -12.02 -17.28 -2.10
CA PRO A 248 -11.87 -15.97 -2.75
C PRO A 248 -13.19 -15.45 -3.31
N SER A 249 -13.99 -16.32 -3.92
CA SER A 249 -15.26 -15.88 -4.50
C SER A 249 -16.31 -15.52 -3.43
N ASP A 250 -16.00 -15.78 -2.16
CA ASP A 250 -16.88 -15.38 -1.07
C ASP A 250 -16.54 -13.98 -0.52
N ARG A 251 -15.43 -13.41 -1.00
CA ARG A 251 -14.98 -12.09 -0.55
C ARG A 251 -15.75 -11.01 -1.30
N PRO A 252 -15.88 -9.82 -0.68
CA PRO A 252 -16.65 -8.77 -1.33
C PRO A 252 -15.87 -8.15 -2.47
N THR A 253 -16.57 -7.57 -3.44
CA THR A 253 -15.94 -6.75 -4.47
C THR A 253 -15.66 -5.40 -3.81
N PHE A 254 -14.85 -4.58 -4.48
CA PHE A 254 -14.63 -3.22 -3.96
C PHE A 254 -15.93 -2.44 -3.83
N GLU A 255 -16.85 -2.62 -4.77
CA GLU A 255 -18.15 -1.95 -4.69
C GLU A 255 -18.87 -2.36 -3.41
N GLU A 256 -18.87 -3.65 -3.12
CA GLU A 256 -19.54 -4.18 -1.92
C GLU A 256 -18.90 -3.70 -0.61
N ILE A 257 -17.58 -3.59 -0.59
CA ILE A 257 -16.89 -3.04 0.58
C ILE A 257 -17.33 -1.60 0.79
N GLN A 258 -17.28 -0.79 -0.27
CA GLN A 258 -17.60 0.63 -0.11
C GLN A 258 -19.09 0.89 0.13
N ASN A 259 -19.94 -0.08 -0.22
CA ASN A 259 -21.37 0.04 0.08
C ASN A 259 -21.74 -0.57 1.45
N HIS A 260 -20.74 -1.11 2.15
CA HIS A 260 -20.99 -1.77 3.42
C HIS A 260 -21.45 -0.73 4.46
N PRO A 261 -22.38 -1.12 5.35
CA PRO A 261 -22.85 -0.17 6.37
C PRO A 261 -21.73 0.45 7.19
N TRP A 262 -20.65 -0.29 7.46
CA TRP A 262 -19.58 0.28 8.28
C TRP A 262 -18.89 1.44 7.57
N MET A 263 -19.00 1.47 6.24
CA MET A 263 -18.25 2.40 5.41
C MET A 263 -19.02 3.72 5.11
N GLN A 264 -20.23 3.86 5.64
CA GLN A 264 -21.03 5.04 5.31
C GLN A 264 -20.61 6.28 6.09
N ASP A 265 -20.88 7.46 5.51
CA ASP A 265 -20.58 8.75 6.13
C ASP A 265 -19.11 8.95 6.46
N VAL A 266 -18.23 8.60 5.53
CA VAL A 266 -16.80 8.76 5.76
C VAL A 266 -16.45 10.25 5.88
N LEU A 267 -15.46 10.57 6.70
CA LEU A 267 -14.98 11.95 6.83
C LEU A 267 -14.17 12.28 5.59
N LEU A 268 -14.15 13.57 5.22
CA LEU A 268 -13.23 14.07 4.23
C LEU A 268 -11.81 14.06 4.81
N PRO A 269 -10.79 13.97 3.93
CA PRO A 269 -9.41 13.98 4.42
C PRO A 269 -9.08 15.15 5.34
N GLN A 270 -9.48 16.36 4.97
CA GLN A 270 -9.18 17.53 5.80
C GLN A 270 -9.91 17.46 7.15
N GLU A 271 -11.16 17.03 7.14
CA GLU A 271 -11.89 16.81 8.40
C GLU A 271 -11.15 15.80 9.27
N THR A 272 -10.68 14.73 8.64
CA THR A 272 -9.97 13.68 9.35
C THR A 272 -8.76 14.28 10.05
N ALA A 273 -8.04 15.13 9.33
CA ALA A 273 -6.84 15.74 9.88
C ALA A 273 -7.18 16.65 11.05
N GLU A 274 -8.19 17.49 10.88
CA GLU A 274 -8.54 18.46 11.91
C GLU A 274 -8.98 17.80 13.21
N ILE A 275 -9.73 16.71 13.07
CA ILE A 275 -10.27 15.99 14.22
C ILE A 275 -9.23 15.06 14.87
N HIS A 276 -8.48 14.33 14.05
CA HIS A 276 -7.64 13.25 14.56
C HIS A 276 -6.13 13.47 14.50
N LEU A 277 -5.67 14.36 13.62
CA LEU A 277 -4.25 14.45 13.31
C LEU A 277 -3.61 15.71 13.87
N HIS A 278 -4.34 16.81 13.82
CA HIS A 278 -3.82 18.09 14.29
C HIS A 278 -3.74 18.10 15.82
N SER A 279 -2.51 18.06 16.34
CA SER A 279 -2.27 18.03 17.77
C SER A 279 -0.83 18.39 18.10
C9 96Y B . 8.85 5.80 0.84
C2 96Y B . 9.42 1.73 0.59
C10 96Y B . 8.58 7.17 0.87
C6 96Y B . 9.11 3.73 -0.46
C1 96Y B . 9.45 0.90 1.85
C3 96Y B . 9.67 1.14 -0.64
N4 96Y B . 9.63 1.86 -1.75
C5 96Y B . 9.37 3.15 -1.70
N7 96Y B . 9.15 3.02 0.65
C8 96Y B . 8.81 5.17 -0.40
C11 96Y B . 8.29 7.81 -0.36
C12 96Y B . 8.27 7.07 -1.54
N13 96Y B . 8.52 5.79 -1.52
C14 96Y B . 8.04 9.21 -0.04
N15 96Y B . 8.17 9.35 1.25
N16 96Y B . 8.53 8.12 1.84
C17 96Y B . 8.67 7.95 3.22
C18 96Y B . 8.76 9.07 4.03
C19 96Y B . 8.86 8.89 5.40
C20 96Y B . 8.83 7.59 5.92
C21 96Y B . 8.71 6.52 5.04
N22 96Y B . 8.63 6.73 3.74
C23 96Y B . 8.65 5.13 5.62
C24 96Y B . 7.85 4.20 4.67
N25 96Y B . 7.76 2.86 5.27
C26 96Y B . 9.11 2.26 5.38
C27 96Y B . 9.96 3.12 6.30
C28 96Y B . 10.06 4.57 5.78
F29 96Y B . 10.72 4.59 4.55
F30 96Y B . 10.73 5.36 6.73
#